data_3QSY
#
_entry.id   3QSY
#
_cell.length_a   93.680
_cell.length_b   93.680
_cell.length_c   220.030
_cell.angle_alpha   90.00
_cell.angle_beta   90.00
_cell.angle_gamma   120.00
#
_symmetry.space_group_name_H-M   'P 31 2 1'
#
loop_
_entity.id
_entity.type
_entity.pdbx_description
1 polymer 'Translation initiation factor 2 subunit gamma'
2 polymer 'Translation initiation factor 2 subunit alpha'
3 polymer tRNA
4 non-polymer 'PHOSPHOAMINOPHOSPHONIC ACID-GUANYLATE ESTER'
5 non-polymer METHIONINE
#
loop_
_entity_poly.entity_id
_entity_poly.type
_entity_poly.pdbx_seq_one_letter_code
_entity_poly.pdbx_strand_id
1 'polypeptide(L)'
;MAWPKVQPEVNIGVVGHVDHGKTTLVQAITGIWTSKHSEELKRGMTIKLGYAETNIGVCESCKKPEAYVTEPSCKSCGSD
DEPKFLRRISFIDAPGHEVLMATMLSGAALMDGAILVVAANEPFPQPQTREHFVALGIIGVKNLIIVQNKVDVVSKEEAL
SQYRQIKQFTKGTWAENVPIIPVSALHKINIDSLIEGIEEYIKTPYRDLSQKPVMLVIRSFDVNKPGTQFNELKGGVIGG
SIIQGLFKVDQEIKVLPGLRVEKQGKVSYEPIFTKISSIRFGDEEFKEAKPGGLVAIGTYLDPSLTKADNLLGSIITLAD
AEVPVLWNIRIKYNLLERVVGAKEMLKVDPIRAKETLMLSVGSSTTLGIVTSVKKDEIEVELRRPVAVWSNNIRTVISRQ
IAGRWRMIGWGLVEI
;
A
2 'polypeptide(L)'
;KVKMSGLITVRTNEPLGVEKIKEVISKALENIEQDYESLLNIKIYTIGAPRYRVDVVGTNPKEASEALNQIISNLIKIGK
EENVDISVV
;
B
3 'polyribonucleotide' CGCGGGGUGGAGCAGCCUGGUAGCUCGUCGGGCUCAUAACCCGAAGAUCGUCGGUUCAAAUCCGGCCCCCGCAACCA D
#
loop_
_chem_comp.id
_chem_comp.type
_chem_comp.name
_chem_comp.formula
A RNA linking ADENOSINE-5'-MONOPHOSPHATE 'C10 H14 N5 O7 P'
C RNA linking CYTIDINE-5'-MONOPHOSPHATE 'C9 H14 N3 O8 P'
G RNA linking GUANOSINE-5'-MONOPHOSPHATE 'C10 H14 N5 O8 P'
GNP non-polymer 'PHOSPHOAMINOPHOSPHONIC ACID-GUANYLATE ESTER' 'C10 H17 N6 O13 P3'
U RNA linking URIDINE-5'-MONOPHOSPHATE 'C9 H13 N2 O9 P'
#
# COMPACT_ATOMS: atom_id res chain seq x y z
N MET A 1 13.59 -3.85 44.55
CA MET A 1 12.22 -3.51 44.21
C MET A 1 12.15 -2.64 42.95
N ALA A 2 11.39 -3.09 41.96
CA ALA A 2 11.20 -2.26 40.78
C ALA A 2 9.74 -2.18 40.33
N TRP A 3 9.15 -1.00 40.47
CA TRP A 3 7.96 -0.67 39.69
C TRP A 3 7.94 0.80 39.23
N PRO A 4 8.98 1.27 38.51
CA PRO A 4 8.81 2.50 37.73
C PRO A 4 8.20 2.17 36.37
N LYS A 5 7.56 3.14 35.72
CA LYS A 5 7.09 2.95 34.35
C LYS A 5 7.46 4.15 33.46
N VAL A 6 8.30 3.92 32.46
CA VAL A 6 8.85 5.03 31.69
C VAL A 6 8.96 4.76 30.18
N GLN A 7 8.56 5.75 29.39
CA GLN A 7 8.79 5.78 27.94
C GLN A 7 8.51 4.47 27.18
N PRO A 8 7.23 4.07 27.07
CA PRO A 8 6.91 2.89 26.24
C PRO A 8 6.44 3.23 24.81
N GLU A 9 7.29 3.89 24.03
CA GLU A 9 6.95 4.26 22.64
C GLU A 9 7.65 3.37 21.61
N VAL A 10 7.48 3.69 20.33
CA VAL A 10 8.27 3.07 19.26
C VAL A 10 8.14 1.55 19.11
N ASN A 11 7.01 1.09 18.56
CA ASN A 11 6.80 -0.33 18.30
C ASN A 11 7.68 -0.90 17.17
N ILE A 12 7.82 -2.22 17.12
CA ILE A 12 8.73 -2.90 16.19
C ILE A 12 8.10 -4.13 15.50
N GLY A 13 8.20 -4.18 14.18
CA GLY A 13 7.66 -5.30 13.40
C GLY A 13 8.68 -6.25 12.79
N VAL A 14 8.21 -7.25 12.04
CA VAL A 14 9.09 -8.16 11.30
C VAL A 14 8.57 -8.56 9.90
N VAL A 15 9.40 -8.36 8.88
CA VAL A 15 9.06 -8.69 7.48
C VAL A 15 10.25 -9.40 6.80
N GLY A 16 10.07 -9.82 5.54
CA GLY A 16 11.14 -10.42 4.75
C GLY A 16 10.64 -11.10 3.48
N HIS A 17 11.45 -12.03 2.95
CA HIS A 17 11.00 -12.90 1.86
C HIS A 17 9.92 -13.85 2.40
N VAL A 18 8.98 -14.22 1.53
CA VAL A 18 7.78 -14.93 1.95
C VAL A 18 8.09 -16.15 2.85
N ASP A 19 7.33 -16.25 3.93
CA ASP A 19 7.49 -17.30 4.93
C ASP A 19 8.89 -17.40 5.51
N HIS A 20 9.43 -16.26 5.89
CA HIS A 20 10.74 -16.21 6.53
C HIS A 20 10.64 -16.33 8.06
N GLY A 21 9.45 -16.65 8.57
CA GLY A 21 9.18 -16.64 10.01
C GLY A 21 8.80 -15.31 10.63
N LYS A 22 7.81 -14.66 10.03
CA LYS A 22 7.32 -13.36 10.49
C LYS A 22 6.15 -13.49 11.46
N THR A 23 5.05 -14.08 10.99
CA THR A 23 3.84 -14.23 11.78
C THR A 23 4.15 -14.88 13.11
N THR A 24 4.86 -16.00 13.05
CA THR A 24 5.26 -16.70 14.27
C THR A 24 6.08 -15.80 15.17
N LEU A 25 6.72 -14.79 14.60
CA LEU A 25 7.53 -13.88 15.38
C LEU A 25 6.70 -12.82 16.08
N VAL A 26 5.70 -12.27 15.38
CA VAL A 26 4.83 -11.29 16.02
C VAL A 26 3.95 -11.95 17.07
N GLN A 27 3.68 -13.24 16.90
CA GLN A 27 2.91 -13.97 17.91
C GLN A 27 3.80 -14.72 18.89
N ALA A 28 5.11 -14.61 18.72
CA ALA A 28 6.09 -15.50 19.37
C ALA A 28 5.83 -15.75 20.85
N ILE A 29 5.61 -14.69 21.61
CA ILE A 29 5.21 -14.83 23.00
C ILE A 29 3.86 -14.15 23.26
N THR A 30 2.80 -14.94 23.43
CA THR A 30 1.47 -14.38 23.73
C THR A 30 0.72 -15.03 24.89
N GLY A 31 0.21 -16.24 24.65
CA GLY A 31 -0.62 -16.94 25.62
C GLY A 31 0.10 -18.14 26.21
N ILE A 32 -0.63 -19.07 26.81
CA ILE A 32 0.01 -20.29 27.28
C ILE A 32 -0.41 -21.53 26.49
N TRP A 33 -1.56 -22.09 26.81
CA TRP A 33 -2.17 -23.12 25.96
C TRP A 33 -3.67 -22.89 25.78
N THR A 34 -4.41 -22.97 26.89
CA THR A 34 -5.86 -22.80 26.88
C THR A 34 -6.32 -21.48 26.25
N SER A 35 -7.20 -21.62 25.26
CA SER A 35 -7.60 -20.58 24.29
C SER A 35 -6.39 -19.87 23.71
N LYS A 36 -6.58 -18.64 23.24
CA LYS A 36 -5.51 -17.68 22.89
C LYS A 36 -4.18 -18.31 22.44
N HIS A 37 -4.20 -19.10 21.37
CA HIS A 37 -3.04 -19.96 21.07
C HIS A 37 -2.62 -19.94 19.62
N SER A 38 -1.66 -20.81 19.30
CA SER A 38 -1.11 -20.92 17.94
C SER A 38 -0.57 -19.58 17.45
N GLU A 39 -0.98 -19.16 16.25
CA GLU A 39 -0.50 -17.90 15.69
C GLU A 39 -1.58 -17.07 14.98
N GLU A 40 -1.17 -15.93 14.43
CA GLU A 40 -1.99 -15.07 13.55
C GLU A 40 -3.42 -14.77 14.04
N LEU A 41 -4.37 -14.85 13.11
CA LEU A 41 -5.78 -14.66 13.41
C LEU A 41 -6.62 -15.37 12.35
N LYS A 42 -7.95 -15.29 12.46
CA LYS A 42 -8.86 -16.01 11.56
C LYS A 42 -8.81 -15.54 10.12
N ARG A 43 -8.16 -14.39 9.87
CA ARG A 43 -8.10 -13.83 8.53
C ARG A 43 -6.68 -13.47 8.09
N GLY A 44 -6.21 -14.19 7.08
CA GLY A 44 -4.82 -14.09 6.65
C GLY A 44 -4.49 -12.89 5.79
N MET A 45 -5.50 -12.10 5.45
CA MET A 45 -5.25 -10.90 4.68
C MET A 45 -4.54 -9.89 5.57
N THR A 46 -3.84 -8.97 4.93
CA THR A 46 -3.16 -7.90 5.65
C THR A 46 -4.18 -7.04 6.39
N ILE A 47 -4.01 -6.94 7.71
CA ILE A 47 -4.94 -6.22 8.58
C ILE A 47 -4.49 -6.37 10.05
N LYS A 48 -5.11 -5.61 10.94
CA LYS A 48 -4.85 -5.66 12.38
C LYS A 48 -3.39 -5.38 12.73
N LEU A 49 -3.00 -4.12 12.57
CA LEU A 49 -1.64 -3.66 12.82
C LEU A 49 -1.04 -4.15 14.14
N GLY A 50 -1.54 -3.64 15.26
CA GLY A 50 -0.95 -3.95 16.54
C GLY A 50 -1.39 -5.26 17.17
N TYR A 51 -0.48 -5.92 17.87
CA TYR A 51 -0.83 -7.05 18.74
C TYR A 51 -1.13 -6.48 20.13
N ALA A 52 -1.20 -5.14 20.20
CA ALA A 52 -1.47 -4.37 21.43
C ALA A 52 -0.35 -4.44 22.49
N GLU A 53 -0.69 -4.84 23.72
CA GLU A 53 0.31 -4.87 24.77
C GLU A 53 1.00 -6.23 24.81
N THR A 54 2.33 -6.21 24.86
CA THR A 54 3.09 -7.45 24.92
C THR A 54 3.88 -7.56 26.21
N ASN A 55 3.61 -8.61 26.98
CA ASN A 55 4.38 -8.87 28.18
C ASN A 55 5.82 -9.17 27.81
N ILE A 56 6.74 -8.41 28.39
CA ILE A 56 8.16 -8.71 28.26
C ILE A 56 8.71 -8.61 29.67
N GLY A 57 9.18 -9.72 30.23
CA GLY A 57 9.54 -9.75 31.63
C GLY A 57 10.68 -10.68 31.95
N VAL A 58 11.27 -10.47 33.13
CA VAL A 58 12.44 -11.24 33.55
C VAL A 58 12.35 -11.50 35.07
N CYS A 59 13.30 -12.26 35.59
CA CYS A 59 13.33 -12.58 37.01
C CYS A 59 14.58 -12.00 37.66
N GLU A 60 14.76 -12.30 38.94
CA GLU A 60 15.91 -11.85 39.68
C GLU A 60 16.94 -12.98 39.79
N SER A 61 16.55 -14.05 40.48
CA SER A 61 17.38 -15.23 40.68
C SER A 61 18.00 -15.75 39.38
N CYS A 62 17.15 -16.15 38.45
CA CYS A 62 17.62 -16.63 37.15
C CYS A 62 18.44 -15.57 36.43
N LYS A 63 19.53 -15.98 35.81
CA LYS A 63 20.54 -15.07 35.30
C LYS A 63 20.15 -14.42 33.97
N LYS A 64 20.67 -13.21 33.76
CA LYS A 64 20.31 -12.39 32.60
C LYS A 64 20.53 -12.96 31.19
N PRO A 65 21.72 -13.52 30.89
CA PRO A 65 22.05 -13.85 29.49
C PRO A 65 20.99 -14.71 28.80
N GLU A 66 20.56 -15.77 29.48
CA GLU A 66 19.66 -16.75 28.90
C GLU A 66 18.19 -16.54 29.23
N ALA A 67 17.84 -15.44 29.92
CA ALA A 67 16.48 -15.28 30.43
C ALA A 67 15.73 -13.97 30.10
N TYR A 68 14.68 -14.10 29.29
CA TYR A 68 13.62 -13.07 29.12
C TYR A 68 12.36 -13.78 28.58
N VAL A 69 11.16 -13.26 28.86
CA VAL A 69 9.93 -13.99 28.50
C VAL A 69 8.60 -13.26 28.80
N THR A 70 7.52 -13.76 28.19
CA THR A 70 6.15 -13.23 28.40
C THR A 70 5.42 -13.92 29.55
N GLU A 71 5.26 -15.23 29.42
CA GLU A 71 4.52 -16.03 30.39
C GLU A 71 5.10 -15.78 31.77
N PRO A 72 4.20 -15.59 32.76
CA PRO A 72 4.55 -15.14 34.11
C PRO A 72 5.70 -15.90 34.77
N SER A 73 6.63 -15.11 35.32
CA SER A 73 7.83 -15.60 35.99
C SER A 73 8.65 -16.60 35.19
N CYS A 74 9.24 -17.58 35.90
CA CYS A 74 9.92 -18.70 35.26
C CYS A 74 9.82 -19.95 36.12
N LYS A 75 9.49 -21.08 35.50
CA LYS A 75 9.48 -22.34 36.23
C LYS A 75 10.78 -23.12 36.01
N SER A 76 11.68 -22.52 35.24
CA SER A 76 12.99 -23.10 34.99
C SER A 76 13.96 -22.85 36.14
N CYS A 77 13.97 -21.63 36.67
CA CYS A 77 14.88 -21.28 37.76
C CYS A 77 14.22 -21.37 39.13
N GLY A 78 12.92 -21.65 39.15
CA GLY A 78 12.18 -21.76 40.41
C GLY A 78 11.29 -20.56 40.68
N SER A 79 10.35 -20.72 41.61
CA SER A 79 9.39 -19.65 41.93
C SER A 79 9.47 -19.20 43.39
N ASP A 80 9.89 -17.96 43.60
CA ASP A 80 9.96 -17.41 44.95
C ASP A 80 9.32 -16.02 45.13
N ASP A 81 9.82 -15.03 44.40
CA ASP A 81 9.29 -13.67 44.50
C ASP A 81 8.87 -13.06 43.15
N GLU A 82 8.03 -12.02 43.20
CA GLU A 82 7.49 -11.40 41.98
C GLU A 82 8.56 -10.99 40.98
N PRO A 83 8.33 -11.26 39.69
CA PRO A 83 9.21 -10.92 38.56
C PRO A 83 9.14 -9.44 38.16
N LYS A 84 10.11 -9.00 37.37
CA LYS A 84 10.21 -7.61 36.95
C LYS A 84 9.92 -7.39 35.46
N PHE A 85 9.04 -6.43 35.17
CA PHE A 85 8.62 -6.09 33.81
C PHE A 85 9.63 -5.20 33.07
N LEU A 86 9.61 -5.24 31.74
CA LEU A 86 10.47 -4.40 30.90
C LEU A 86 9.77 -3.13 30.39
N ARG A 87 8.70 -3.30 29.59
CA ARG A 87 7.97 -2.17 28.98
C ARG A 87 6.72 -2.59 28.19
N ARG A 88 5.86 -1.62 27.88
CA ARG A 88 4.59 -1.86 27.18
C ARG A 88 4.67 -1.53 25.70
N ILE A 89 4.66 -2.55 24.85
CA ILE A 89 4.84 -2.38 23.41
C ILE A 89 3.95 -3.33 22.60
N SER A 90 3.49 -2.87 21.43
CA SER A 90 2.88 -3.72 20.42
C SER A 90 3.87 -4.52 19.55
N PHE A 91 3.31 -5.35 18.68
CA PHE A 91 4.08 -6.06 17.67
C PHE A 91 3.33 -5.93 16.35
N ILE A 92 3.95 -5.25 15.40
CA ILE A 92 3.32 -5.02 14.10
C ILE A 92 3.96 -5.96 13.10
N ASP A 93 3.50 -5.90 11.85
CA ASP A 93 4.01 -6.77 10.79
C ASP A 93 3.34 -6.38 9.48
N ALA A 94 3.97 -6.78 8.38
CA ALA A 94 3.38 -6.59 7.06
C ALA A 94 3.75 -7.77 6.19
N PRO A 95 2.82 -8.21 5.33
CA PRO A 95 3.07 -9.28 4.37
C PRO A 95 3.95 -8.79 3.22
N GLY A 96 4.47 -9.70 2.42
CA GLY A 96 5.04 -9.34 1.15
C GLY A 96 5.23 -10.56 0.27
N HIS A 97 5.15 -10.34 -1.03
CA HIS A 97 5.30 -11.39 -2.02
C HIS A 97 5.59 -10.65 -3.31
N GLU A 98 5.57 -11.35 -4.44
CA GLU A 98 5.72 -10.68 -5.74
C GLU A 98 4.69 -9.56 -5.85
N VAL A 99 3.47 -9.84 -5.39
CA VAL A 99 2.40 -8.88 -5.41
C VAL A 99 2.43 -7.94 -4.21
N LEU A 100 2.72 -8.49 -3.04
CA LEU A 100 2.49 -7.77 -1.79
C LEU A 100 3.68 -7.04 -1.19
N MET A 101 4.83 -7.08 -1.85
CA MET A 101 6.05 -6.45 -1.33
C MET A 101 5.85 -5.01 -0.88
N ALA A 102 5.10 -4.24 -1.67
CA ALA A 102 4.87 -2.83 -1.35
C ALA A 102 4.44 -2.63 0.11
N THR A 103 3.62 -3.56 0.60
CA THR A 103 3.05 -3.44 1.95
C THR A 103 4.12 -3.20 3.01
N MET A 104 5.31 -3.74 2.74
CA MET A 104 6.49 -3.54 3.58
C MET A 104 6.57 -2.09 4.02
N LEU A 105 6.75 -1.19 3.06
CA LEU A 105 6.89 0.23 3.36
C LEU A 105 5.74 0.70 4.26
N SER A 106 4.51 0.43 3.84
CA SER A 106 3.37 0.94 4.61
C SER A 106 3.27 0.22 5.95
N GLY A 107 3.65 -1.06 5.95
CA GLY A 107 3.60 -1.87 7.15
C GLY A 107 4.66 -1.40 8.14
N ALA A 108 5.51 -0.49 7.70
CA ALA A 108 6.52 0.09 8.57
C ALA A 108 5.99 1.32 9.29
N ALA A 109 4.70 1.60 9.11
CA ALA A 109 4.05 2.75 9.75
C ALA A 109 4.20 2.73 11.27
N LEU A 110 3.59 1.75 11.92
CA LEU A 110 3.68 1.59 13.38
C LEU A 110 4.97 0.86 13.73
N MET A 111 5.73 0.50 12.70
CA MET A 111 6.94 -0.27 12.84
C MET A 111 8.17 0.64 12.73
N ASP A 112 8.81 0.89 13.85
CA ASP A 112 10.00 1.71 13.87
C ASP A 112 11.12 0.87 14.42
N GLY A 113 12.17 0.70 13.63
CA GLY A 113 13.27 -0.15 14.01
C GLY A 113 12.83 -1.61 14.05
N ALA A 114 12.31 -2.08 12.93
CA ALA A 114 11.85 -3.46 12.81
C ALA A 114 12.97 -4.45 13.10
N ILE A 115 12.62 -5.61 13.62
CA ILE A 115 13.58 -6.69 13.76
C ILE A 115 13.52 -7.60 12.54
N LEU A 116 14.67 -7.85 11.93
CA LEU A 116 14.72 -8.57 10.64
C LEU A 116 14.99 -10.06 10.80
N VAL A 117 14.15 -10.88 10.19
CA VAL A 117 14.40 -12.32 10.22
C VAL A 117 14.77 -12.83 8.84
N VAL A 118 16.04 -13.19 8.66
CA VAL A 118 16.52 -13.76 7.41
C VAL A 118 16.20 -15.25 7.38
N ALA A 119 16.58 -15.90 6.29
CA ALA A 119 16.34 -17.35 6.18
C ALA A 119 17.49 -18.18 6.75
N ALA A 120 17.28 -19.51 6.75
CA ALA A 120 18.29 -20.54 6.95
C ALA A 120 18.11 -21.62 5.87
N ASN A 121 16.95 -22.26 5.91
CA ASN A 121 16.51 -23.16 4.85
C ASN A 121 16.60 -22.63 3.41
N GLU A 122 16.08 -21.44 3.16
CA GLU A 122 16.16 -20.85 1.83
C GLU A 122 17.51 -20.11 1.62
N PRO A 123 18.05 -20.15 0.38
CA PRO A 123 19.32 -19.48 0.03
C PRO A 123 19.18 -17.96 -0.05
N PHE A 124 20.31 -17.25 -0.09
CA PHE A 124 20.25 -15.79 -0.02
C PHE A 124 19.57 -15.07 -1.20
N PRO A 125 20.02 -15.32 -2.44
CA PRO A 125 19.23 -14.61 -3.46
C PRO A 125 17.80 -15.16 -3.61
N GLN A 126 16.85 -14.24 -3.52
CA GLN A 126 15.44 -14.51 -3.74
C GLN A 126 14.94 -13.21 -4.33
N PRO A 127 13.82 -13.24 -5.08
CA PRO A 127 13.43 -11.97 -5.71
C PRO A 127 13.18 -10.87 -4.67
N GLN A 128 12.36 -11.17 -3.67
CA GLN A 128 12.00 -10.16 -2.67
C GLN A 128 12.97 -10.07 -1.48
N THR A 129 14.05 -10.83 -1.53
CA THR A 129 15.10 -10.74 -0.53
C THR A 129 16.05 -9.57 -0.84
N ARG A 130 16.72 -9.64 -1.99
CA ARG A 130 17.49 -8.50 -2.44
C ARG A 130 16.53 -7.35 -2.70
N GLU A 131 15.33 -7.65 -3.22
CA GLU A 131 14.33 -6.60 -3.35
C GLU A 131 14.13 -5.93 -1.98
N HIS A 132 14.11 -6.75 -0.94
CA HIS A 132 14.00 -6.25 0.43
C HIS A 132 15.15 -5.34 0.79
N PHE A 133 16.37 -5.74 0.44
CA PHE A 133 17.53 -4.92 0.80
C PHE A 133 17.60 -3.59 0.07
N VAL A 134 17.54 -3.64 -1.25
CA VAL A 134 17.70 -2.45 -2.08
C VAL A 134 16.48 -1.53 -2.02
N ALA A 135 15.33 -2.06 -1.62
CA ALA A 135 14.16 -1.21 -1.43
C ALA A 135 14.07 -0.68 0.00
N LEU A 136 13.87 -1.58 0.95
CA LEU A 136 13.69 -1.22 2.36
C LEU A 136 14.92 -0.52 2.95
N GLY A 137 16.10 -0.85 2.46
CA GLY A 137 17.34 -0.33 3.03
C GLY A 137 17.43 1.18 3.16
N ILE A 138 16.66 1.89 2.33
CA ILE A 138 16.62 3.35 2.36
C ILE A 138 15.51 3.92 3.25
N ILE A 139 14.64 3.05 3.76
CA ILE A 139 13.46 3.49 4.51
C ILE A 139 13.82 4.22 5.80
N GLY A 140 15.04 3.98 6.29
CA GLY A 140 15.51 4.60 7.51
C GLY A 140 15.58 3.69 8.72
N VAL A 141 15.37 2.39 8.53
CA VAL A 141 15.51 1.46 9.64
C VAL A 141 16.87 0.77 9.54
N LYS A 142 17.79 1.20 10.40
CA LYS A 142 19.09 0.55 10.53
C LYS A 142 19.03 -0.35 11.77
N ASN A 143 17.87 -0.36 12.40
CA ASN A 143 17.65 -1.11 13.61
C ASN A 143 17.29 -2.55 13.29
N LEU A 144 17.26 -2.86 12.00
CA LEU A 144 17.02 -4.22 11.57
C LEU A 144 18.05 -5.12 12.21
N ILE A 145 17.55 -6.13 12.92
CA ILE A 145 18.40 -7.10 13.59
C ILE A 145 18.15 -8.44 12.94
N ILE A 146 19.14 -8.92 12.19
CA ILE A 146 19.03 -10.15 11.41
C ILE A 146 18.87 -11.38 12.30
N VAL A 147 17.83 -12.15 12.05
CA VAL A 147 17.58 -13.34 12.82
C VAL A 147 17.40 -14.48 11.84
N GLN A 148 18.32 -15.42 11.83
CA GLN A 148 18.12 -16.58 10.98
C GLN A 148 17.06 -17.47 11.59
N ASN A 149 16.02 -17.74 10.81
CA ASN A 149 14.98 -18.64 11.22
C ASN A 149 14.85 -19.75 10.19
N LYS A 150 13.89 -20.63 10.38
CA LYS A 150 13.67 -21.77 9.50
C LYS A 150 14.89 -22.67 9.41
N VAL A 151 15.27 -23.26 10.55
CA VAL A 151 16.18 -24.39 10.56
C VAL A 151 15.81 -25.39 11.67
N ASP A 152 15.60 -26.64 11.29
CA ASP A 152 15.06 -27.62 12.23
C ASP A 152 16.12 -28.58 12.73
N VAL A 153 16.49 -29.55 11.88
CA VAL A 153 17.64 -30.42 12.15
C VAL A 153 18.35 -30.76 10.83
N VAL A 154 19.68 -30.74 10.88
CA VAL A 154 20.52 -31.18 9.77
C VAL A 154 21.82 -31.62 10.41
N SER A 155 22.85 -31.83 9.59
CA SER A 155 24.17 -31.81 10.15
C SER A 155 24.29 -30.37 10.63
N LYS A 156 24.63 -30.19 11.91
CA LYS A 156 24.44 -28.91 12.59
C LYS A 156 25.25 -27.73 12.06
N GLU A 157 26.09 -27.98 11.05
CA GLU A 157 26.90 -26.94 10.42
C GLU A 157 26.06 -25.75 9.92
N GLU A 158 24.75 -25.96 9.79
CA GLU A 158 23.80 -24.96 9.27
C GLU A 158 23.86 -23.56 9.91
N ALA A 159 24.06 -23.51 11.22
CA ALA A 159 24.07 -22.25 11.96
C ALA A 159 25.11 -21.27 11.44
N LEU A 160 26.37 -21.63 11.66
CA LEU A 160 27.47 -20.81 11.19
C LEU A 160 27.39 -20.63 9.68
N SER A 161 26.81 -21.62 8.99
CA SER A 161 26.58 -21.54 7.55
C SER A 161 25.79 -20.27 7.21
N GLN A 162 24.60 -20.14 7.81
CA GLN A 162 23.76 -18.96 7.57
C GLN A 162 24.43 -17.69 8.06
N TYR A 163 25.44 -17.85 8.94
CA TYR A 163 26.22 -16.70 9.38
C TYR A 163 27.25 -16.17 8.34
N ARG A 164 27.77 -17.08 7.51
CA ARG A 164 28.85 -16.76 6.56
C ARG A 164 28.55 -15.63 5.54
N GLN A 165 27.63 -15.92 4.62
CA GLN A 165 27.34 -15.04 3.50
C GLN A 165 26.84 -13.69 3.98
N ILE A 166 26.12 -13.70 5.11
CA ILE A 166 25.70 -12.47 5.74
C ILE A 166 26.91 -11.71 6.24
N LYS A 167 27.87 -12.42 6.82
CA LYS A 167 29.12 -11.77 7.22
C LYS A 167 29.79 -11.11 6.03
N GLN A 168 29.63 -11.68 4.85
CA GLN A 168 30.14 -11.03 3.64
C GLN A 168 29.27 -9.84 3.19
N PHE A 169 27.97 -9.90 3.49
CA PHE A 169 27.03 -8.96 2.87
C PHE A 169 27.11 -7.53 3.42
N THR A 170 26.68 -7.34 4.66
CA THR A 170 26.61 -5.98 5.22
C THR A 170 27.92 -5.58 5.88
N LYS A 171 27.87 -4.44 6.56
CA LYS A 171 28.96 -3.91 7.39
C LYS A 171 30.12 -3.35 6.55
N GLY A 172 30.15 -3.70 5.27
CA GLY A 172 31.19 -3.19 4.38
C GLY A 172 30.54 -2.13 3.53
N THR A 173 29.34 -1.74 3.96
CA THR A 173 28.49 -0.82 3.25
C THR A 173 27.62 -0.06 4.24
N TRP A 174 26.57 0.56 3.71
CA TRP A 174 25.58 1.26 4.50
C TRP A 174 24.92 0.26 5.44
N ALA A 175 24.19 0.75 6.44
CA ALA A 175 23.61 -0.10 7.48
C ALA A 175 24.63 -0.80 8.38
N GLU A 176 25.12 -0.05 9.37
CA GLU A 176 26.09 -0.54 10.33
C GLU A 176 25.52 -1.65 11.20
N ASN A 177 26.28 -2.09 12.22
CA ASN A 177 26.13 -3.45 12.76
C ASN A 177 24.71 -3.93 13.06
N VAL A 178 24.40 -5.08 12.47
CA VAL A 178 23.09 -5.72 12.55
C VAL A 178 23.27 -7.09 13.20
N PRO A 179 22.67 -7.29 14.38
CA PRO A 179 22.82 -8.57 15.10
C PRO A 179 22.13 -9.72 14.39
N ILE A 180 22.79 -10.86 14.25
CA ILE A 180 22.23 -12.03 13.56
C ILE A 180 21.94 -13.13 14.58
N ILE A 181 20.68 -13.56 14.63
CA ILE A 181 20.22 -14.45 15.69
C ILE A 181 19.70 -15.81 15.21
N PRO A 182 20.37 -16.90 15.64
CA PRO A 182 19.89 -18.26 15.34
C PRO A 182 18.66 -18.63 16.18
N VAL A 183 17.60 -19.16 15.56
CA VAL A 183 16.41 -19.61 16.28
C VAL A 183 15.62 -20.68 15.52
N SER A 184 14.68 -21.33 16.21
CA SER A 184 13.63 -22.06 15.50
C SER A 184 12.25 -21.65 16.01
N ALA A 185 11.51 -20.91 15.19
CA ALA A 185 10.17 -20.44 15.57
C ALA A 185 9.19 -21.56 15.31
N LEU A 186 9.63 -22.45 14.43
CA LEU A 186 8.91 -23.63 14.05
C LEU A 186 8.42 -24.32 15.30
N HIS A 187 9.37 -24.83 16.07
CA HIS A 187 9.04 -25.71 17.18
C HIS A 187 8.99 -25.05 18.56
N LYS A 188 9.09 -23.73 18.60
CA LYS A 188 9.10 -22.99 19.86
C LYS A 188 10.40 -23.28 20.62
N ILE A 189 11.13 -24.27 20.14
CA ILE A 189 12.47 -24.52 20.64
C ILE A 189 13.39 -23.37 20.26
N ASN A 190 14.15 -22.86 21.24
CA ASN A 190 15.13 -21.80 21.04
C ASN A 190 14.65 -20.37 20.69
N ILE A 191 13.64 -19.87 21.40
CA ILE A 191 13.19 -18.47 21.27
C ILE A 191 14.00 -17.46 22.11
N ASP A 192 14.39 -17.90 23.31
CA ASP A 192 15.12 -17.05 24.25
C ASP A 192 16.39 -16.51 23.59
N SER A 193 16.87 -17.26 22.61
CA SER A 193 18.01 -16.83 21.79
C SER A 193 17.64 -15.65 20.89
N LEU A 194 16.36 -15.54 20.52
CA LEU A 194 15.91 -14.42 19.68
C LEU A 194 15.74 -13.13 20.49
N ILE A 195 15.35 -13.25 21.75
CA ILE A 195 15.24 -12.07 22.60
C ILE A 195 16.60 -11.61 23.11
N GLU A 196 17.45 -12.58 23.46
CA GLU A 196 18.80 -12.25 23.91
C GLU A 196 19.67 -11.66 22.79
N GLY A 197 19.28 -11.90 21.55
CA GLY A 197 19.92 -11.20 20.45
C GLY A 197 19.26 -9.88 20.06
N ILE A 198 17.95 -9.78 20.28
CA ILE A 198 17.23 -8.60 19.80
C ILE A 198 17.29 -7.37 20.69
N GLU A 199 17.57 -7.56 21.97
CA GLU A 199 17.38 -6.46 22.94
C GLU A 199 18.00 -5.10 22.56
N GLU A 200 19.02 -5.10 21.71
CA GLU A 200 19.63 -3.87 21.22
C GLU A 200 18.73 -3.07 20.27
N TYR A 201 19.05 -1.78 20.10
CA TYR A 201 18.32 -0.91 19.19
C TYR A 201 19.21 0.18 18.57
N ILE A 202 18.79 0.71 17.43
CA ILE A 202 19.59 1.67 16.66
C ILE A 202 19.72 3.05 17.32
N LYS A 203 20.69 3.84 16.85
CA LYS A 203 21.09 5.11 17.48
C LYS A 203 20.28 6.40 17.24
N THR A 204 19.94 6.73 15.99
CA THR A 204 19.40 8.07 15.63
C THR A 204 18.11 8.47 16.35
N PRO A 205 18.13 9.63 17.04
CA PRO A 205 16.92 10.20 17.64
C PRO A 205 15.97 10.83 16.61
N TYR A 206 14.67 10.69 16.85
CA TYR A 206 13.61 11.16 15.94
C TYR A 206 12.43 11.75 16.73
N ARG A 207 11.50 12.39 16.01
CA ARG A 207 10.34 13.02 16.66
C ARG A 207 9.02 12.27 16.45
N ASP A 208 7.92 12.82 16.97
CA ASP A 208 6.62 12.13 16.93
C ASP A 208 5.81 12.35 15.65
N LEU A 209 5.39 13.59 15.41
CA LEU A 209 4.56 13.92 14.24
C LEU A 209 4.64 15.39 13.84
N SER A 210 3.67 15.82 13.02
CA SER A 210 3.61 17.18 12.48
C SER A 210 4.73 17.58 11.51
N GLN A 211 4.67 17.00 10.32
CA GLN A 211 5.66 17.21 9.26
C GLN A 211 4.96 17.23 7.90
N LYS A 212 5.70 17.10 6.81
CA LYS A 212 5.08 17.13 5.48
C LYS A 212 5.26 15.84 4.68
N PRO A 213 4.51 14.77 5.04
CA PRO A 213 4.60 13.47 4.39
C PRO A 213 3.58 13.26 3.26
N VAL A 214 3.66 12.10 2.58
CA VAL A 214 2.64 11.66 1.62
C VAL A 214 2.36 10.15 1.72
N MET A 215 1.11 9.79 1.95
CA MET A 215 0.67 8.38 1.95
C MET A 215 0.41 7.86 0.54
N LEU A 216 0.57 6.56 0.33
CA LEU A 216 0.12 5.96 -0.93
C LEU A 216 -1.08 5.01 -0.77
N VAL A 217 -2.03 5.12 -1.69
CA VAL A 217 -3.21 4.29 -1.69
C VAL A 217 -2.95 2.85 -2.07
N ILE A 218 -3.88 1.98 -1.68
CA ILE A 218 -3.76 0.55 -1.85
C ILE A 218 -5.07 -0.12 -2.28
N ARG A 219 -5.04 -1.44 -2.21
CA ARG A 219 -6.12 -2.31 -2.67
C ARG A 219 -7.51 -2.01 -2.10
N SER A 220 -8.50 -2.31 -2.93
CA SER A 220 -9.91 -2.31 -2.57
C SER A 220 -10.67 -2.81 -3.79
N PHE A 221 -11.85 -3.38 -3.58
CA PHE A 221 -12.66 -3.86 -4.69
C PHE A 221 -13.45 -2.70 -5.28
N ASP A 222 -13.84 -2.84 -6.55
CA ASP A 222 -14.73 -1.87 -7.19
C ASP A 222 -16.19 -2.31 -6.99
N VAL A 223 -16.92 -1.54 -6.19
CA VAL A 223 -18.23 -1.93 -5.65
C VAL A 223 -19.24 -2.16 -6.77
N ASN A 224 -20.34 -2.85 -6.46
CA ASN A 224 -21.25 -3.39 -7.47
C ASN A 224 -21.58 -2.36 -8.53
N LYS A 225 -21.37 -2.76 -9.78
CA LYS A 225 -21.63 -1.93 -10.95
C LYS A 225 -23.12 -1.66 -11.00
N PRO A 226 -23.54 -0.63 -11.76
CA PRO A 226 -24.93 -0.18 -11.77
C PRO A 226 -25.96 -1.26 -12.12
N GLY A 227 -25.50 -2.42 -12.59
CA GLY A 227 -26.36 -3.46 -13.15
C GLY A 227 -27.63 -3.77 -12.38
N THR A 228 -27.52 -3.80 -11.05
CA THR A 228 -28.71 -3.92 -10.21
C THR A 228 -29.65 -2.76 -10.50
N GLN A 229 -29.24 -1.59 -10.01
CA GLN A 229 -29.96 -0.33 -10.19
C GLN A 229 -28.93 0.77 -10.04
N PHE A 230 -29.31 1.98 -10.44
CA PHE A 230 -28.46 3.16 -10.31
C PHE A 230 -28.11 3.38 -8.84
N ASN A 231 -28.84 2.69 -7.98
CA ASN A 231 -28.68 2.80 -6.54
C ASN A 231 -27.38 2.13 -6.11
N GLU A 232 -27.20 2.04 -4.79
CA GLU A 232 -25.97 1.52 -4.18
C GLU A 232 -24.80 2.47 -4.44
N LEU A 233 -25.08 3.76 -4.56
CA LEU A 233 -24.01 4.75 -4.70
C LEU A 233 -23.80 5.56 -3.43
N LYS A 234 -22.75 5.22 -2.70
CA LYS A 234 -22.26 6.04 -1.59
C LYS A 234 -21.09 6.84 -2.13
N GLY A 235 -20.83 6.65 -3.43
CA GLY A 235 -19.70 7.26 -4.09
C GLY A 235 -18.64 6.24 -4.48
N GLY A 236 -18.71 5.04 -3.91
CA GLY A 236 -17.67 4.06 -4.18
C GLY A 236 -16.35 4.44 -3.54
N VAL A 237 -16.38 4.61 -2.22
CA VAL A 237 -15.20 4.86 -1.42
C VAL A 237 -14.12 3.78 -1.65
N ILE A 238 -12.88 4.22 -1.85
CA ILE A 238 -11.73 3.32 -2.03
C ILE A 238 -10.57 3.87 -1.21
N GLY A 239 -9.76 3.01 -0.60
CA GLY A 239 -8.73 3.53 0.29
C GLY A 239 -7.38 2.83 0.40
N GLY A 240 -6.42 3.58 0.96
CA GLY A 240 -5.02 3.22 0.95
C GLY A 240 -4.36 2.80 2.26
N SER A 241 -3.04 3.00 2.33
CA SER A 241 -2.27 2.68 3.52
C SER A 241 -1.11 3.65 3.73
N ILE A 242 -0.93 4.11 4.96
CA ILE A 242 0.13 5.09 5.25
C ILE A 242 1.51 4.48 5.45
N ILE A 243 2.51 5.30 5.14
CA ILE A 243 3.92 4.95 5.26
C ILE A 243 4.55 5.79 6.36
N GLN A 244 4.77 7.07 6.06
CA GLN A 244 5.35 8.01 7.01
C GLN A 244 4.31 8.65 7.92
N GLY A 245 4.71 9.70 8.64
CA GLY A 245 3.89 10.32 9.68
C GLY A 245 2.60 10.97 9.22
N LEU A 246 1.86 11.54 10.16
CA LEU A 246 0.53 12.09 9.87
C LEU A 246 0.09 13.21 10.82
N PHE A 247 -1.17 13.61 10.68
CA PHE A 247 -1.75 14.64 11.54
C PHE A 247 -3.11 14.25 12.12
N LYS A 248 -4.12 14.22 11.24
CA LYS A 248 -5.52 14.20 11.66
C LYS A 248 -6.43 13.48 10.65
N VAL A 249 -7.74 13.64 10.86
CA VAL A 249 -8.79 13.08 10.00
C VAL A 249 -8.60 13.37 8.51
N ASP A 250 -8.19 14.60 8.19
CA ASP A 250 -8.04 15.08 6.82
C ASP A 250 -7.13 14.16 6.00
N GLN A 251 -7.62 13.68 4.86
CA GLN A 251 -6.80 12.84 3.99
C GLN A 251 -6.67 13.38 2.56
N GLU A 252 -7.70 13.22 1.75
CA GLU A 252 -7.66 13.65 0.36
C GLU A 252 -8.49 14.92 0.14
N ILE A 253 -7.78 16.02 -0.02
CA ILE A 253 -8.14 17.31 -0.60
C ILE A 253 -7.91 17.31 -2.13
N LYS A 254 -6.91 16.55 -2.58
CA LYS A 254 -6.54 16.48 -4.00
C LYS A 254 -6.28 15.05 -4.43
N VAL A 255 -6.86 14.64 -5.56
CA VAL A 255 -6.50 13.35 -6.13
C VAL A 255 -5.53 13.68 -7.24
N LEU A 256 -4.28 13.40 -6.92
CA LEU A 256 -3.12 13.62 -7.76
C LEU A 256 -2.46 12.29 -8.04
N PRO A 257 -2.37 11.88 -9.32
CA PRO A 257 -2.86 12.39 -10.62
C PRO A 257 -4.31 12.01 -10.98
N GLY A 258 -4.69 12.18 -12.24
CA GLY A 258 -6.05 11.93 -12.70
C GLY A 258 -6.17 11.56 -14.18
N LEU A 259 -7.42 11.52 -14.68
CA LEU A 259 -7.72 10.94 -15.99
C LEU A 259 -7.12 11.63 -17.24
N ARG A 260 -6.67 10.82 -18.19
CA ARG A 260 -6.09 11.29 -19.46
C ARG A 260 -6.94 12.32 -20.22
N VAL A 261 -8.20 11.96 -20.48
CA VAL A 261 -9.09 12.82 -21.24
C VAL A 261 -8.46 13.20 -22.59
N GLU A 262 -7.66 12.27 -23.14
CA GLU A 262 -7.23 12.32 -24.53
C GLU A 262 -6.57 13.64 -24.99
N LYS A 263 -7.27 14.40 -25.83
CA LYS A 263 -6.76 15.68 -26.35
C LYS A 263 -5.56 15.63 -27.31
N GLN A 264 -5.84 15.27 -28.56
CA GLN A 264 -4.89 15.41 -29.66
C GLN A 264 -3.65 14.51 -29.51
N GLY A 265 -2.47 15.07 -29.79
CA GLY A 265 -1.23 14.33 -29.77
C GLY A 265 -0.63 14.08 -28.40
N LYS A 266 -0.49 15.15 -27.62
CA LYS A 266 0.08 15.02 -26.27
C LYS A 266 -1.08 15.05 -25.29
N VAL A 267 -1.16 13.99 -24.50
CA VAL A 267 -2.24 13.81 -23.54
C VAL A 267 -1.73 14.00 -22.12
N SER A 268 -2.41 14.86 -21.39
CA SER A 268 -2.07 15.07 -19.99
C SER A 268 -3.07 14.32 -19.11
N TYR A 269 -2.58 13.84 -17.98
CA TYR A 269 -3.44 13.16 -17.02
C TYR A 269 -3.91 14.20 -16.01
N GLU A 270 -5.20 14.52 -16.02
CA GLU A 270 -5.73 15.59 -15.17
C GLU A 270 -6.39 15.11 -13.88
N PRO A 271 -5.85 15.55 -12.73
CA PRO A 271 -6.24 15.23 -11.36
C PRO A 271 -7.61 15.79 -10.99
N ILE A 272 -8.18 15.28 -9.89
CA ILE A 272 -9.52 15.71 -9.49
C ILE A 272 -9.51 16.00 -8.00
N PHE A 273 -10.05 17.14 -7.56
CA PHE A 273 -9.86 17.52 -6.15
C PHE A 273 -11.14 17.47 -5.32
N THR A 274 -11.04 16.94 -4.11
CA THR A 274 -12.18 16.90 -3.18
C THR A 274 -11.78 16.82 -1.70
N LYS A 275 -12.67 17.29 -0.84
CA LYS A 275 -12.59 17.09 0.61
C LYS A 275 -13.17 15.73 1.06
N ILE A 276 -12.71 15.26 2.22
CA ILE A 276 -13.00 13.90 2.69
C ILE A 276 -14.31 13.67 3.44
N SER A 277 -15.16 12.78 2.93
CA SER A 277 -16.32 12.33 3.69
C SER A 277 -16.30 10.97 4.44
N SER A 278 -15.34 10.07 4.15
CA SER A 278 -15.53 8.68 4.63
C SER A 278 -14.45 8.00 5.48
N ILE A 279 -13.38 7.53 4.84
CA ILE A 279 -12.27 6.85 5.53
C ILE A 279 -12.60 5.57 6.36
N ARG A 280 -12.86 4.47 5.67
CA ARG A 280 -13.07 3.14 6.24
C ARG A 280 -11.83 2.53 6.84
N PHE A 281 -11.95 2.18 8.12
CA PHE A 281 -10.97 1.52 8.96
C PHE A 281 -11.09 -0.01 8.94
N GLY A 282 -12.22 -0.51 8.45
CA GLY A 282 -12.55 -1.92 8.58
C GLY A 282 -14.02 -2.18 8.33
N ASP A 283 -14.56 -3.23 8.94
CA ASP A 283 -16.00 -3.52 8.88
C ASP A 283 -16.79 -2.28 9.25
N GLU A 284 -16.22 -1.49 10.16
CA GLU A 284 -16.67 -0.13 10.44
C GLU A 284 -15.49 0.83 10.26
N GLU A 285 -15.77 2.11 10.01
CA GLU A 285 -14.74 3.05 9.58
C GLU A 285 -13.99 3.77 10.71
N PHE A 286 -13.04 4.64 10.32
CA PHE A 286 -12.32 5.50 11.26
C PHE A 286 -12.37 6.96 10.82
N LYS A 287 -11.77 7.82 11.62
CA LYS A 287 -11.53 9.21 11.25
C LYS A 287 -10.24 9.44 10.43
N GLU A 288 -9.14 8.79 10.81
CA GLU A 288 -7.92 8.87 10.01
C GLU A 288 -7.75 7.63 9.14
N ALA A 289 -6.74 7.63 8.29
CA ALA A 289 -6.53 6.52 7.36
C ALA A 289 -5.54 5.50 7.92
N LYS A 290 -6.04 4.30 8.20
CA LYS A 290 -5.23 3.24 8.79
C LYS A 290 -4.65 2.29 7.74
N PRO A 291 -3.34 2.01 7.82
CA PRO A 291 -2.65 1.13 6.86
C PRO A 291 -3.09 -0.33 6.98
N GLY A 292 -2.36 -1.23 6.33
CA GLY A 292 -2.80 -2.60 6.18
C GLY A 292 -3.60 -2.82 4.90
N GLY A 293 -4.58 -3.71 4.96
CA GLY A 293 -5.33 -4.14 3.79
C GLY A 293 -6.49 -3.23 3.44
N LEU A 294 -7.57 -3.82 2.89
CA LEU A 294 -8.67 -3.03 2.34
C LEU A 294 -9.14 -1.95 3.29
N VAL A 295 -9.21 -0.74 2.76
CA VAL A 295 -9.55 0.45 3.50
C VAL A 295 -10.37 1.23 2.50
N ALA A 296 -11.36 2.00 2.93
CA ALA A 296 -12.06 2.78 1.92
C ALA A 296 -12.27 4.26 2.20
N ILE A 297 -11.51 5.08 1.50
CA ILE A 297 -11.55 6.53 1.68
C ILE A 297 -12.62 7.14 0.79
N GLY A 298 -13.30 8.18 1.25
CA GLY A 298 -14.36 8.78 0.46
C GLY A 298 -13.89 9.28 -0.89
N THR A 299 -14.47 8.68 -1.94
CA THR A 299 -14.22 9.08 -3.31
C THR A 299 -15.57 8.98 -3.95
N TYR A 300 -16.04 10.04 -4.58
CA TYR A 300 -17.37 9.98 -5.18
C TYR A 300 -17.23 9.58 -6.64
N LEU A 301 -17.66 8.37 -6.94
CA LEU A 301 -17.44 7.76 -8.24
C LEU A 301 -18.65 6.95 -8.73
N ASP A 302 -19.14 7.26 -9.93
CA ASP A 302 -20.03 6.35 -10.61
C ASP A 302 -19.13 5.18 -10.96
N PRO A 303 -19.66 3.96 -10.93
CA PRO A 303 -18.82 2.80 -11.21
C PRO A 303 -18.29 2.80 -12.65
N SER A 304 -17.48 3.82 -12.96
CA SER A 304 -16.75 3.90 -14.21
C SER A 304 -15.29 4.31 -13.93
N LEU A 305 -15.14 5.52 -13.41
CA LEU A 305 -13.85 6.15 -13.21
C LEU A 305 -12.89 5.37 -12.31
N THR A 306 -13.43 4.63 -11.35
CA THR A 306 -12.61 3.92 -10.38
C THR A 306 -11.58 3.03 -11.04
N LYS A 307 -11.85 2.64 -12.29
CA LYS A 307 -10.91 1.90 -13.12
C LYS A 307 -10.40 0.68 -12.37
N ALA A 308 -11.23 -0.35 -12.23
CA ALA A 308 -10.78 -1.42 -11.38
C ALA A 308 -9.62 -2.01 -12.14
N ASP A 309 -8.44 -1.76 -11.58
CA ASP A 309 -7.17 -2.23 -12.10
C ASP A 309 -7.02 -2.15 -13.62
N ASN A 310 -7.67 -1.18 -14.25
CA ASN A 310 -7.45 -0.94 -15.67
C ASN A 310 -6.21 -0.09 -15.75
N LEU A 311 -6.18 0.88 -14.85
CA LEU A 311 -4.99 1.67 -14.69
C LEU A 311 -4.37 1.21 -13.36
N LEU A 312 -3.24 0.52 -13.45
CA LEU A 312 -2.58 -0.04 -12.27
C LEU A 312 -1.67 1.02 -11.63
N GLY A 313 -0.90 0.62 -10.63
CA GLY A 313 0.12 1.48 -10.05
C GLY A 313 -0.41 2.75 -9.42
N SER A 314 -1.27 2.59 -8.41
CA SER A 314 -1.89 3.73 -7.73
C SER A 314 -0.86 4.72 -7.22
N ILE A 315 -0.97 5.98 -7.66
CA ILE A 315 0.02 7.02 -7.38
C ILE A 315 -0.57 8.19 -6.63
N ILE A 316 0.09 8.59 -5.53
CA ILE A 316 -0.32 9.77 -4.77
C ILE A 316 0.89 10.60 -4.35
N THR A 317 0.87 11.89 -4.70
CA THR A 317 1.85 12.83 -4.19
C THR A 317 1.14 14.08 -3.74
N LEU A 318 1.89 15.06 -3.27
CA LEU A 318 1.27 16.31 -2.84
C LEU A 318 1.81 17.56 -3.55
N ALA A 319 0.90 18.52 -3.72
CA ALA A 319 1.07 19.74 -4.52
C ALA A 319 1.52 19.50 -5.97
N ASP A 320 2.27 20.45 -6.52
CA ASP A 320 2.80 20.40 -7.90
C ASP A 320 3.46 21.73 -8.28
N ALA A 321 4.21 21.73 -9.39
CA ALA A 321 4.71 22.95 -9.99
C ALA A 321 3.67 23.50 -10.96
N GLU A 322 2.54 22.78 -11.01
CA GLU A 322 1.25 23.26 -11.51
C GLU A 322 0.94 23.15 -12.99
N VAL A 323 1.86 22.73 -13.85
CA VAL A 323 1.55 22.71 -15.29
C VAL A 323 1.52 21.30 -15.89
N PRO A 324 0.34 20.89 -16.44
CA PRO A 324 0.02 19.51 -16.84
C PRO A 324 1.09 18.83 -17.68
N VAL A 325 1.84 19.58 -18.47
CA VAL A 325 3.08 19.04 -19.00
C VAL A 325 4.25 19.85 -18.46
N LEU A 326 4.96 19.27 -17.51
CA LEU A 326 6.13 19.94 -16.98
C LEU A 326 7.23 18.94 -17.10
N TRP A 327 8.16 19.18 -18.01
CA TRP A 327 9.32 18.31 -18.07
C TRP A 327 10.64 19.07 -18.09
N ASN A 328 11.34 18.99 -16.96
CA ASN A 328 12.77 19.20 -16.93
C ASN A 328 13.26 18.22 -15.90
N ILE A 329 14.19 17.34 -16.30
CA ILE A 329 14.66 16.30 -15.39
C ILE A 329 16.19 16.15 -15.30
N ARG A 330 16.72 16.56 -14.14
CA ARG A 330 18.14 16.51 -13.79
C ARG A 330 18.35 15.52 -12.62
N ILE A 331 19.01 14.41 -12.93
CA ILE A 331 19.21 13.32 -11.97
C ILE A 331 20.68 13.02 -11.73
N LYS A 332 21.08 13.06 -10.46
CA LYS A 332 22.41 12.57 -10.09
C LYS A 332 22.27 11.10 -9.67
N TYR A 333 22.94 10.22 -10.39
CA TYR A 333 22.73 8.80 -10.15
C TYR A 333 23.75 8.19 -9.20
N ASN A 334 23.54 6.91 -8.90
CA ASN A 334 24.51 6.10 -8.19
C ASN A 334 24.70 4.79 -8.93
N LEU A 335 23.58 4.08 -9.05
CA LEU A 335 23.51 2.69 -9.49
C LEU A 335 24.21 1.73 -8.54
N LEU A 336 24.96 0.78 -9.08
CA LEU A 336 25.53 -0.30 -8.26
C LEU A 336 26.93 -0.63 -8.76
N GLU A 337 27.68 -1.38 -7.97
CA GLU A 337 29.02 -1.82 -8.38
C GLU A 337 28.95 -2.49 -9.75
N ARG A 338 28.11 -3.52 -9.86
CA ARG A 338 27.84 -4.17 -11.15
C ARG A 338 26.35 -4.12 -11.48
N VAL A 339 25.95 -4.57 -12.66
CA VAL A 339 24.54 -4.50 -13.04
C VAL A 339 23.78 -5.73 -12.58
N VAL A 340 22.53 -5.56 -12.17
CA VAL A 340 21.75 -6.72 -11.74
C VAL A 340 20.43 -6.88 -12.49
N GLY A 341 20.41 -7.89 -13.34
CA GLY A 341 19.31 -8.23 -14.23
C GLY A 341 18.54 -9.42 -13.71
N ALA A 342 18.19 -10.31 -14.64
CA ALA A 342 17.74 -11.64 -14.26
C ALA A 342 18.96 -12.36 -13.72
N LYS A 343 18.82 -13.67 -13.49
CA LYS A 343 19.82 -14.48 -12.77
C LYS A 343 21.27 -14.26 -13.27
N GLU A 344 21.39 -13.80 -14.51
CA GLU A 344 22.68 -13.55 -15.13
C GLU A 344 23.61 -12.70 -14.26
N MET A 345 24.89 -13.09 -14.23
CA MET A 345 25.93 -12.32 -13.56
C MET A 345 26.85 -11.45 -14.44
N LEU A 346 26.65 -11.50 -15.76
CA LEU A 346 27.51 -10.76 -16.69
C LEU A 346 27.13 -9.30 -16.83
N LYS A 347 28.15 -8.46 -16.98
CA LYS A 347 27.99 -7.01 -16.99
C LYS A 347 27.16 -6.56 -18.19
N VAL A 348 26.55 -5.38 -18.06
CA VAL A 348 25.74 -4.80 -19.12
C VAL A 348 26.23 -3.38 -19.39
N ASP A 349 26.05 -2.92 -20.62
CA ASP A 349 26.63 -1.68 -21.12
C ASP A 349 26.42 -0.44 -20.22
N PRO A 350 27.48 0.37 -20.09
CA PRO A 350 27.53 1.70 -19.47
C PRO A 350 26.86 2.77 -20.35
N ILE A 351 27.05 4.03 -19.99
CA ILE A 351 26.35 5.12 -20.64
C ILE A 351 26.77 5.41 -22.08
N ARG A 352 25.77 5.42 -22.96
CA ARG A 352 25.97 5.65 -24.39
C ARG A 352 24.96 6.73 -24.78
N ALA A 353 25.11 7.29 -25.97
CA ALA A 353 24.27 8.40 -26.42
C ALA A 353 22.81 8.03 -26.65
N LYS A 354 21.91 8.90 -26.21
CA LYS A 354 20.47 8.80 -26.41
C LYS A 354 19.83 7.44 -26.12
N GLU A 355 20.30 6.76 -25.07
CA GLU A 355 19.73 5.47 -24.67
C GLU A 355 18.43 5.65 -23.88
N THR A 356 17.50 4.71 -23.99
CA THR A 356 16.22 4.83 -23.31
C THR A 356 16.12 3.96 -22.06
N LEU A 357 15.75 4.57 -20.93
CA LEU A 357 15.59 3.80 -19.71
C LEU A 357 14.29 4.12 -18.98
N MET A 358 13.87 3.18 -18.15
CA MET A 358 12.64 3.40 -17.40
C MET A 358 12.97 4.37 -16.32
N LEU A 359 12.29 5.51 -16.35
CA LEU A 359 12.32 6.43 -15.24
C LEU A 359 10.98 6.26 -14.58
N SER A 360 10.99 5.60 -13.44
CA SER A 360 9.76 5.32 -12.73
C SER A 360 9.79 6.02 -11.39
N VAL A 361 8.86 6.95 -11.24
CA VAL A 361 8.68 7.70 -10.01
C VAL A 361 7.40 7.22 -9.35
N GLY A 362 7.55 6.55 -8.20
CA GLY A 362 6.41 5.99 -7.46
C GLY A 362 5.77 4.74 -8.04
N SER A 363 4.44 4.78 -8.15
CA SER A 363 3.69 3.63 -8.68
C SER A 363 3.44 3.74 -10.18
N SER A 364 4.00 4.76 -10.80
CA SER A 364 4.01 4.83 -12.24
C SER A 364 5.37 4.38 -12.73
N THR A 365 5.40 3.66 -13.84
CA THR A 365 6.65 3.47 -14.58
C THR A 365 6.57 4.29 -15.87
N THR A 366 7.40 5.33 -15.99
CA THR A 366 7.24 6.16 -17.19
C THR A 366 8.43 6.09 -18.14
N LEU A 367 8.09 6.08 -19.43
CA LEU A 367 9.07 6.09 -20.50
C LEU A 367 10.02 7.19 -20.17
N GLY A 368 11.32 6.89 -20.23
CA GLY A 368 12.22 7.98 -20.03
C GLY A 368 13.38 7.88 -20.95
N ILE A 369 13.87 9.05 -21.30
CA ILE A 369 14.96 9.12 -22.23
C ILE A 369 16.10 9.65 -21.43
N VAL A 370 17.02 8.74 -21.12
CA VAL A 370 18.34 9.13 -20.70
C VAL A 370 18.86 9.78 -21.96
N THR A 371 19.37 11.00 -21.87
CA THR A 371 19.93 11.58 -23.09
C THR A 371 21.34 12.20 -22.96
N SER A 372 21.45 13.24 -22.16
CA SER A 372 22.70 13.96 -22.04
C SER A 372 23.65 13.21 -21.11
N VAL A 373 24.87 12.95 -21.58
CA VAL A 373 25.85 12.31 -20.71
C VAL A 373 26.66 13.38 -20.02
N LYS A 374 26.40 13.52 -18.74
CA LYS A 374 27.05 14.49 -17.85
C LYS A 374 28.23 13.86 -17.09
N LYS A 375 28.67 12.68 -17.55
CA LYS A 375 29.36 11.67 -16.73
C LYS A 375 28.35 11.05 -15.73
N ASP A 376 28.60 11.13 -14.43
CA ASP A 376 27.80 10.34 -13.48
C ASP A 376 26.41 10.93 -13.14
N GLU A 377 26.03 12.00 -13.85
CA GLU A 377 24.68 12.51 -13.81
C GLU A 377 24.03 12.45 -15.20
N ILE A 378 22.69 12.39 -15.24
CA ILE A 378 21.98 12.34 -16.52
C ILE A 378 20.70 13.18 -16.53
N GLU A 379 20.24 13.53 -17.73
CA GLU A 379 18.95 14.18 -17.93
C GLU A 379 17.97 13.17 -18.52
N VAL A 380 16.82 12.99 -17.86
CA VAL A 380 15.90 11.97 -18.36
C VAL A 380 14.44 12.43 -18.57
N GLU A 381 14.02 12.54 -19.83
CA GLU A 381 12.70 13.10 -20.11
C GLU A 381 11.60 12.06 -19.92
N LEU A 382 10.40 12.49 -19.53
CA LEU A 382 9.24 11.61 -19.35
C LEU A 382 8.04 12.00 -20.24
N ARG A 383 7.11 11.06 -20.41
CA ARG A 383 5.91 11.29 -21.22
C ARG A 383 4.67 11.55 -20.37
N ARG A 384 4.12 10.49 -19.75
CA ARG A 384 2.94 10.62 -18.90
C ARG A 384 3.23 11.57 -17.76
N PRO A 385 2.30 12.50 -17.50
CA PRO A 385 2.45 13.55 -16.47
C PRO A 385 2.57 13.01 -15.05
N VAL A 386 3.54 13.55 -14.29
CA VAL A 386 3.75 13.18 -12.88
C VAL A 386 4.42 14.31 -12.09
N ALA A 387 4.22 14.29 -10.78
CA ALA A 387 4.76 15.34 -9.92
C ALA A 387 5.56 14.81 -8.74
N VAL A 388 6.86 15.07 -8.76
CA VAL A 388 7.75 14.77 -7.64
C VAL A 388 7.59 15.89 -6.61
N TRP A 389 7.80 15.58 -5.32
CA TRP A 389 7.77 16.63 -4.30
C TRP A 389 9.14 17.25 -3.96
N SER A 390 10.09 16.45 -3.44
CA SER A 390 11.38 17.00 -3.05
C SER A 390 12.58 16.27 -3.66
N ASN A 391 13.74 16.94 -3.61
CA ASN A 391 15.01 16.40 -4.10
C ASN A 391 15.29 15.01 -3.54
N ASN A 392 15.07 14.85 -2.24
CA ASN A 392 15.09 13.53 -1.62
C ASN A 392 14.10 12.64 -2.35
N ILE A 393 14.59 11.50 -2.85
CA ILE A 393 13.76 10.54 -3.59
C ILE A 393 14.63 9.38 -4.07
N ARG A 394 13.97 8.29 -4.45
CA ARG A 394 14.66 7.16 -5.06
C ARG A 394 14.00 6.82 -6.40
N THR A 395 14.73 7.04 -7.48
CA THR A 395 14.18 6.78 -8.82
C THR A 395 14.37 5.32 -9.17
N VAL A 396 13.31 4.64 -9.62
CA VAL A 396 13.53 3.27 -10.04
C VAL A 396 13.77 3.22 -11.54
N ILE A 397 14.89 2.61 -11.93
CA ILE A 397 15.39 2.71 -13.30
C ILE A 397 15.61 1.37 -14.00
N SER A 398 14.98 1.21 -15.17
CA SER A 398 15.10 -0.07 -15.87
C SER A 398 15.64 0.01 -17.29
N ARG A 399 15.79 -1.16 -17.91
CA ARG A 399 16.42 -1.28 -19.23
C ARG A 399 15.54 -2.04 -20.21
N GLN A 400 15.66 -1.64 -21.46
CA GLN A 400 14.79 -2.09 -22.55
C GLN A 400 15.44 -3.13 -23.43
N ILE A 401 14.97 -4.36 -23.35
CA ILE A 401 15.30 -5.31 -24.41
C ILE A 401 14.08 -6.10 -24.88
N ALA A 402 13.67 -5.84 -26.12
CA ALA A 402 12.55 -6.54 -26.75
C ALA A 402 11.29 -6.72 -25.90
N GLY A 403 10.62 -5.62 -25.57
CA GLY A 403 9.36 -5.67 -24.84
C GLY A 403 9.49 -6.17 -23.42
N ARG A 404 10.73 -6.35 -22.98
CA ARG A 404 11.02 -6.88 -21.66
C ARG A 404 11.65 -5.74 -20.87
N TRP A 405 11.93 -6.00 -19.59
CA TRP A 405 12.42 -4.95 -18.69
C TRP A 405 13.43 -5.49 -17.67
N ARG A 406 14.54 -4.78 -17.47
CA ARG A 406 15.50 -5.16 -16.42
C ARG A 406 16.07 -4.00 -15.59
N MET A 407 15.84 -4.03 -14.28
CA MET A 407 16.21 -2.89 -13.43
C MET A 407 17.71 -2.85 -13.26
N ILE A 408 18.33 -1.72 -13.62
CA ILE A 408 19.79 -1.62 -13.63
C ILE A 408 20.45 -0.79 -12.51
N GLY A 409 19.64 -0.15 -11.66
CA GLY A 409 20.21 0.67 -10.60
C GLY A 409 19.37 1.83 -10.10
N TRP A 410 20.00 2.80 -9.45
CA TRP A 410 19.28 3.91 -8.84
C TRP A 410 19.91 5.29 -9.06
N GLY A 411 19.07 6.33 -8.95
CA GLY A 411 19.52 7.71 -9.01
C GLY A 411 18.50 8.59 -8.31
N LEU A 412 18.85 9.85 -8.05
CA LEU A 412 17.89 10.79 -7.45
C LEU A 412 17.81 12.12 -8.18
N VAL A 413 16.59 12.65 -8.32
CA VAL A 413 16.38 13.90 -9.02
C VAL A 413 16.56 15.07 -8.08
N GLU A 414 17.13 16.15 -8.59
CA GLU A 414 17.30 17.29 -7.70
C GLU A 414 16.56 18.54 -8.17
N ILE A 415 15.54 18.95 -7.41
CA ILE A 415 14.79 20.18 -7.71
C ILE A 415 15.27 21.33 -6.82
N LYS B 1 -45.57 -6.49 -19.81
CA LYS B 1 -44.42 -7.24 -19.30
C LYS B 1 -43.33 -7.39 -20.36
N VAL B 2 -42.96 -6.29 -21.01
CA VAL B 2 -41.93 -6.33 -22.04
C VAL B 2 -40.69 -5.49 -21.73
N LYS B 3 -39.53 -6.13 -21.78
CA LYS B 3 -38.26 -5.45 -21.62
C LYS B 3 -37.97 -4.65 -22.90
N MET B 4 -37.18 -3.58 -22.80
CA MET B 4 -36.99 -2.68 -23.93
C MET B 4 -35.52 -2.49 -24.31
N SER B 5 -35.29 -1.91 -25.49
CA SER B 5 -33.96 -1.53 -25.94
C SER B 5 -33.30 -0.61 -24.91
N GLY B 6 -33.77 0.64 -24.86
CA GLY B 6 -33.44 1.57 -23.80
C GLY B 6 -31.98 1.81 -23.44
N LEU B 7 -31.17 2.20 -24.42
CA LEU B 7 -29.75 2.44 -24.16
C LEU B 7 -29.24 3.81 -24.66
N ILE B 8 -28.85 4.70 -23.74
CA ILE B 8 -28.47 6.06 -24.14
C ILE B 8 -27.12 6.51 -23.58
N THR B 9 -26.68 7.72 -23.94
CA THR B 9 -25.42 8.25 -23.46
C THR B 9 -25.54 9.65 -22.84
N VAL B 10 -25.31 9.69 -21.53
CA VAL B 10 -25.50 10.91 -20.76
C VAL B 10 -24.16 11.47 -20.35
N ARG B 11 -24.14 12.77 -20.16
CA ARG B 11 -22.94 13.48 -19.78
C ARG B 11 -23.33 14.65 -18.88
N THR B 12 -22.51 14.89 -17.86
CA THR B 12 -22.70 15.98 -16.90
C THR B 12 -21.35 16.65 -16.62
N ASN B 13 -21.31 17.98 -16.70
CA ASN B 13 -20.04 18.72 -16.78
C ASN B 13 -19.23 19.01 -15.50
N GLU B 14 -19.90 19.43 -14.43
CA GLU B 14 -19.21 19.94 -13.23
C GLU B 14 -18.63 18.84 -12.32
N PRO B 15 -17.54 19.18 -11.59
CA PRO B 15 -16.92 18.25 -10.64
C PRO B 15 -17.81 17.91 -9.44
N LEU B 16 -18.52 18.93 -8.93
CA LEU B 16 -19.52 18.74 -7.88
C LEU B 16 -20.68 17.92 -8.43
N GLY B 17 -20.73 17.81 -9.75
CA GLY B 17 -21.77 17.09 -10.46
C GLY B 17 -21.96 15.70 -9.87
N VAL B 18 -20.86 15.08 -9.48
CA VAL B 18 -20.92 13.78 -8.83
C VAL B 18 -21.87 13.80 -7.62
N GLU B 19 -21.75 14.80 -6.77
CA GLU B 19 -22.71 15.00 -5.67
C GLU B 19 -23.99 15.74 -6.09
N LYS B 20 -23.85 16.66 -7.05
CA LYS B 20 -24.97 17.44 -7.54
C LYS B 20 -26.11 16.54 -7.98
N ILE B 21 -25.74 15.36 -8.47
CA ILE B 21 -26.73 14.35 -8.82
C ILE B 21 -27.57 13.97 -7.59
N LYS B 22 -26.94 13.91 -6.42
CA LYS B 22 -27.67 13.62 -5.18
C LYS B 22 -28.42 14.85 -4.66
N GLU B 23 -27.91 16.04 -4.98
CA GLU B 23 -28.64 17.27 -4.66
C GLU B 23 -29.98 17.30 -5.37
N VAL B 24 -29.93 17.05 -6.68
CA VAL B 24 -31.12 17.05 -7.50
C VAL B 24 -31.83 15.70 -7.37
N ILE B 25 -31.24 14.80 -6.60
CA ILE B 25 -31.98 13.62 -6.15
C ILE B 25 -32.88 14.06 -5.02
N SER B 26 -32.34 14.89 -4.13
CA SER B 26 -33.12 15.40 -3.01
C SER B 26 -34.14 16.44 -3.47
N LYS B 27 -33.94 16.99 -4.66
CA LYS B 27 -34.85 18.00 -5.18
C LYS B 27 -35.75 17.52 -6.31
N ALA B 28 -35.13 17.17 -7.42
CA ALA B 28 -35.85 16.89 -8.67
C ALA B 28 -36.57 15.56 -8.67
N LEU B 29 -35.84 14.46 -8.50
CA LEU B 29 -36.39 13.15 -8.83
C LEU B 29 -37.39 12.73 -7.76
N GLU B 30 -38.66 12.69 -8.17
CA GLU B 30 -39.76 12.18 -7.37
C GLU B 30 -40.95 11.90 -8.29
N ASN B 31 -41.86 11.05 -7.82
CA ASN B 31 -43.18 10.89 -8.43
C ASN B 31 -43.18 10.30 -9.85
N ILE B 32 -42.02 10.28 -10.50
CA ILE B 32 -41.93 9.76 -11.86
C ILE B 32 -42.33 8.30 -11.85
N GLU B 33 -41.99 7.62 -10.75
CA GLU B 33 -42.32 6.22 -10.55
C GLU B 33 -43.83 6.05 -10.54
N GLN B 34 -44.51 6.90 -9.77
CA GLN B 34 -45.95 6.80 -9.62
C GLN B 34 -46.71 7.58 -10.70
N ASP B 35 -45.97 8.12 -11.68
CA ASP B 35 -46.58 8.70 -12.88
C ASP B 35 -47.57 7.67 -13.44
N TYR B 36 -47.18 6.41 -13.34
CA TYR B 36 -48.02 5.28 -13.74
C TYR B 36 -48.29 4.45 -12.50
N GLU B 37 -48.96 3.32 -12.66
CA GLU B 37 -49.18 2.38 -11.56
C GLU B 37 -48.75 0.95 -11.92
N SER B 38 -48.48 0.15 -10.89
CA SER B 38 -48.04 -1.24 -11.03
C SER B 38 -46.72 -1.43 -11.80
N LEU B 39 -45.63 -0.98 -11.20
CA LEU B 39 -44.29 -1.20 -11.75
C LEU B 39 -43.45 -1.92 -10.71
N LEU B 40 -42.21 -2.26 -11.06
CA LEU B 40 -41.33 -2.91 -10.07
C LEU B 40 -40.27 -1.96 -9.53
N ASN B 41 -39.28 -1.64 -10.34
CA ASN B 41 -38.23 -0.72 -9.93
C ASN B 41 -37.80 0.20 -11.07
N ILE B 42 -36.82 1.06 -10.80
CA ILE B 42 -36.21 1.92 -11.80
C ILE B 42 -34.70 1.72 -11.75
N LYS B 43 -34.05 1.62 -12.90
CA LYS B 43 -32.60 1.42 -12.85
C LYS B 43 -31.81 2.02 -14.00
N ILE B 44 -30.55 2.31 -13.71
CA ILE B 44 -29.63 2.86 -14.70
C ILE B 44 -28.34 2.09 -14.60
N TYR B 45 -27.97 1.40 -15.68
CA TYR B 45 -26.88 0.44 -15.64
C TYR B 45 -26.05 0.45 -16.91
N THR B 46 -24.73 0.46 -16.76
CA THR B 46 -23.85 0.66 -17.92
C THR B 46 -23.77 -0.51 -18.89
N ILE B 47 -23.46 -0.18 -20.14
CA ILE B 47 -23.33 -1.13 -21.23
C ILE B 47 -21.89 -1.64 -21.23
N GLY B 48 -21.17 -1.28 -20.19
CA GLY B 48 -19.78 -1.64 -20.11
C GLY B 48 -19.10 -0.51 -20.82
N ALA B 49 -19.86 0.54 -21.05
CA ALA B 49 -19.31 1.74 -21.61
C ALA B 49 -20.03 2.90 -20.97
N PRO B 50 -19.61 4.16 -21.30
CA PRO B 50 -20.28 5.41 -20.90
C PRO B 50 -21.76 5.44 -21.31
N ARG B 51 -22.14 4.49 -22.16
CA ARG B 51 -23.54 4.22 -22.45
C ARG B 51 -24.19 3.40 -21.34
N TYR B 52 -25.41 3.81 -20.98
CA TYR B 52 -26.19 3.13 -19.96
C TYR B 52 -27.52 2.63 -20.55
N ARG B 53 -27.79 1.34 -20.41
CA ARG B 53 -29.13 0.84 -20.60
C ARG B 53 -29.88 1.15 -19.31
N VAL B 54 -31.04 1.78 -19.45
CA VAL B 54 -31.88 2.06 -18.30
C VAL B 54 -32.97 1.02 -18.28
N ASP B 55 -33.79 1.02 -17.23
CA ASP B 55 -34.92 0.10 -17.15
C ASP B 55 -36.09 0.61 -16.32
N VAL B 56 -37.29 0.34 -16.85
CA VAL B 56 -38.57 0.59 -16.19
C VAL B 56 -39.41 -0.66 -16.40
N VAL B 57 -39.78 -1.33 -15.31
CA VAL B 57 -40.44 -2.63 -15.41
C VAL B 57 -41.85 -2.67 -14.81
N GLY B 58 -42.82 -3.08 -15.63
CA GLY B 58 -44.20 -3.23 -15.18
C GLY B 58 -44.96 -4.26 -15.99
N THR B 59 -46.22 -4.48 -15.63
CA THR B 59 -47.05 -5.46 -16.31
C THR B 59 -47.56 -4.94 -17.64
N ASN B 60 -47.94 -3.66 -17.66
CA ASN B 60 -48.41 -3.01 -18.87
C ASN B 60 -47.27 -2.88 -19.88
N PRO B 61 -47.39 -3.58 -21.02
CA PRO B 61 -46.26 -3.64 -21.96
C PRO B 61 -45.91 -2.33 -22.66
N LYS B 62 -46.89 -1.73 -23.31
CA LYS B 62 -46.60 -0.70 -24.29
C LYS B 62 -46.05 0.53 -23.57
N GLU B 63 -46.72 0.87 -22.46
CA GLU B 63 -46.37 2.03 -21.68
C GLU B 63 -44.88 2.05 -21.34
N ALA B 64 -44.25 0.87 -21.34
CA ALA B 64 -42.82 0.77 -21.09
C ALA B 64 -42.12 1.84 -21.89
N SER B 65 -42.19 1.72 -23.21
CA SER B 65 -41.54 2.69 -24.10
C SER B 65 -41.90 4.11 -23.71
N GLU B 66 -43.20 4.34 -23.54
CA GLU B 66 -43.71 5.65 -23.16
C GLU B 66 -42.90 6.13 -21.98
N ALA B 67 -43.02 5.39 -20.89
CA ALA B 67 -42.34 5.73 -19.66
C ALA B 67 -40.86 5.84 -19.91
N LEU B 68 -40.34 4.89 -20.70
CA LEU B 68 -38.92 4.82 -20.98
C LEU B 68 -38.53 6.17 -21.54
N ASN B 69 -39.27 6.58 -22.56
CA ASN B 69 -39.00 7.84 -23.21
C ASN B 69 -39.01 8.98 -22.19
N GLN B 70 -40.02 9.00 -21.32
CA GLN B 70 -40.14 10.06 -20.32
C GLN B 70 -38.88 10.16 -19.49
N ILE B 71 -38.32 9.02 -19.10
CA ILE B 71 -37.15 9.07 -18.22
C ILE B 71 -35.99 9.75 -18.95
N ILE B 72 -35.86 9.46 -20.24
CA ILE B 72 -34.84 10.10 -21.04
C ILE B 72 -35.08 11.59 -20.97
N SER B 73 -36.33 11.97 -21.22
CA SER B 73 -36.72 13.38 -21.26
C SER B 73 -36.30 14.10 -19.99
N ASN B 74 -36.24 13.37 -18.88
CA ASN B 74 -35.81 13.99 -17.63
C ASN B 74 -34.48 14.68 -17.82
N LEU B 75 -33.44 13.91 -18.15
CA LEU B 75 -32.12 14.49 -18.35
C LEU B 75 -32.20 15.58 -19.42
N ILE B 76 -33.03 15.36 -20.44
CA ILE B 76 -33.20 16.34 -21.49
C ILE B 76 -33.62 17.67 -20.90
N LYS B 77 -34.69 17.63 -20.11
CA LYS B 77 -35.18 18.83 -19.44
C LYS B 77 -34.10 19.33 -18.50
N ILE B 78 -33.45 18.38 -17.83
CA ILE B 78 -32.36 18.71 -16.92
C ILE B 78 -31.27 19.38 -17.73
N GLY B 79 -31.06 18.88 -18.94
CA GLY B 79 -30.11 19.48 -19.85
C GLY B 79 -30.50 20.91 -20.19
N LYS B 80 -31.80 21.13 -20.41
CA LYS B 80 -32.32 22.46 -20.75
C LYS B 80 -32.21 23.39 -19.54
N GLU B 81 -31.76 22.81 -18.43
CA GLU B 81 -31.64 23.55 -17.18
C GLU B 81 -30.22 23.44 -16.63
N GLU B 82 -29.83 22.22 -16.28
CA GLU B 82 -28.60 21.95 -15.54
C GLU B 82 -27.36 21.70 -16.39
N ASN B 83 -27.47 21.94 -17.71
CA ASN B 83 -26.38 21.66 -18.65
C ASN B 83 -26.01 20.18 -18.68
N VAL B 84 -27.01 19.32 -18.89
CA VAL B 84 -26.83 17.87 -18.95
C VAL B 84 -27.14 17.30 -20.33
N ASP B 85 -26.14 16.74 -20.99
CA ASP B 85 -26.34 16.28 -22.36
C ASP B 85 -26.55 14.77 -22.40
N ILE B 86 -27.78 14.36 -22.70
CA ILE B 86 -28.19 12.96 -22.67
C ILE B 86 -27.91 12.29 -24.01
N SER B 87 -27.19 13.02 -24.85
CA SER B 87 -27.01 12.72 -26.27
C SER B 87 -26.07 11.56 -26.54
N VAL B 88 -26.55 10.62 -27.35
CA VAL B 88 -25.76 9.42 -27.59
C VAL B 88 -24.75 9.59 -28.73
N VAL B 89 -25.23 9.63 -29.97
CA VAL B 89 -24.36 9.78 -31.11
C VAL B 89 -24.99 10.70 -32.13
PG GNP D . 5.42 -13.87 5.84
O1G GNP D . 5.55 -12.36 5.99
O2G GNP D . 5.70 -14.36 4.44
O3G GNP D . 4.04 -14.17 6.38
N3B GNP D . 6.46 -14.63 6.77
PB GNP D . 5.96 -15.82 7.69
O1B GNP D . 7.00 -16.83 7.95
O2B GNP D . 5.30 -15.19 8.83
O3A GNP D . 4.89 -16.54 6.88
PA GNP D . 3.73 -17.27 7.54
O1A GNP D . 4.01 -17.39 8.99
O2A GNP D . 2.43 -16.70 7.05
O5' GNP D . 3.82 -18.75 7.00
C5' GNP D . 3.67 -19.85 7.87
C4' GNP D . 4.08 -21.11 7.12
O4' GNP D . 5.51 -21.29 7.17
C3' GNP D . 3.47 -22.40 7.62
O3' GNP D . 2.47 -22.83 6.69
C2' GNP D . 4.66 -23.37 7.67
O2' GNP D . 4.41 -24.62 7.08
C1' GNP D . 5.71 -22.64 6.85
N9 GNP D . 7.05 -23.11 7.18
C8 GNP D . 7.49 -23.46 8.43
N7 GNP D . 8.73 -23.86 8.46
C5 GNP D . 9.12 -23.80 7.14
C6 GNP D . 10.37 -24.12 6.58
O6 GNP D . 11.36 -24.53 7.17
N1 GNP D . 10.39 -23.91 5.20
C2 GNP D . 9.33 -23.44 4.46
N2 GNP D . 9.55 -23.31 3.14
N3 GNP D . 8.14 -23.13 4.98
C4 GNP D . 8.11 -23.34 6.33
N MET E . 22.63 -11.68 -7.80
CA MET E . 21.22 -11.71 -7.44
C MET E . 20.40 -12.54 -8.43
O MET E . 20.68 -12.56 -9.61
CB MET E . 20.66 -10.30 -7.37
CG MET E . 21.00 -9.56 -6.08
SD MET E . 22.64 -9.98 -5.45
CE MET E . 22.20 -11.12 -4.13
#